data_6H8H
#
_entry.id   6H8H
#
_cell.length_a   117.100
_cell.length_b   117.100
_cell.length_c   235.620
_cell.angle_alpha   90.00
_cell.angle_beta   90.00
_cell.angle_gamma   120.00
#
_symmetry.space_group_name_H-M   'P 63 2 2'
#
loop_
_entity.id
_entity.type
_entity.pdbx_description
1 polymer 'Molybdenum storage protein subunit beta'
2 polymer 'Molybdenum storage protein subunit alpha'
3 non-polymer 'bis(mu4-oxo)-tetrakis(mu3-oxo)-hexakis(mu2-oxo)-hexadecaoxo-octamolybdenum (VI)'
4 non-polymer 'Mo5 Cluster'
5 non-polymer 'Mo14O47 cluster'
6 non-polymer 'PHOSPHATE ION'
7 non-polymer "ADENOSINE-5'-TRIPHOSPHATE"
8 non-polymer 'MAGNESIUM ION'
9 non-polymer 'MOLYBDATE ION'
10 non-polymer 'bis(mu2-oxo)-octaoxo-dimolybdenum (VI)'
11 water water
#
loop_
_entity_poly.entity_id
_entity_poly.type
_entity_poly.pdbx_seq_one_letter_code
_entity_poly.pdbx_strand_id
1 'polypeptide(L)'
;ANSTAELEELLMQRSLTDPQLQAAAAAAADFRILPDATVIKIGGQSVIDRGRAAVYPLVDEIVAARKNHKLLIGTGAGTR
ARHLYSIAAGLGLPAGVLAQLGSSVADQNAAMLGQLLAKHGIPVVGGAGLSAVPLSLAEVNAVVFSGMPPYKLWMRPAAE
GVIPPYRTDAGCFLLAEQFGCKQMIFVKDEDGLYTANPKTSKDATFIPRISVDEMKAKGLHDSILEFPVLDLLQSAQHVR
EVQVVNGLVPGNLTRALAGEHVGTIITAS
;
B
2 'polypeptide(L)'
;TDTTNSIKHVISPLARQTLQDRDLTRPVAGKRPIRLLPWLQVVKIGGRVMDRGADAILPLVEELRKLLPEHRLLILTGAG
VRARHVFSVGLDLGLPVGSLAPLAASEAGQNGHILAAMLASEGVSYVEHPTVADQLAIHLSATRAVVGSAFPPYHHHEFP
GSRIPPHRADTGAFLLADAFGAAGLTIVENVDGIYTADPNGPDRGQARFLPETSATDLAKSEGPLPVDRALLDVMATARH
IERVQVVNGLVPGRLTAALRGEHVGTLIRTGVRPA
;
A
#
# COMPACT_ATOMS: atom_id res chain seq x y z
N ASN A 2 -16.90 -20.17 -15.08
CA ASN A 2 -15.55 -19.62 -14.99
C ASN A 2 -14.55 -20.44 -15.81
N SER A 3 -13.90 -19.79 -16.78
CA SER A 3 -12.85 -20.40 -17.56
C SER A 3 -11.76 -19.37 -17.82
N THR A 4 -10.60 -19.86 -18.23
CA THR A 4 -9.49 -18.97 -18.54
C THR A 4 -9.81 -18.05 -19.71
N ALA A 5 -10.50 -18.59 -20.73
CA ALA A 5 -10.84 -17.79 -21.89
C ALA A 5 -11.84 -16.69 -21.55
N GLU A 6 -12.78 -16.97 -20.64
CA GLU A 6 -13.75 -15.98 -20.24
C GLU A 6 -13.14 -14.93 -19.31
N LEU A 7 -12.22 -15.33 -18.45
CA LEU A 7 -11.51 -14.36 -17.60
C LEU A 7 -10.67 -13.42 -18.46
N GLU A 8 -9.99 -13.95 -19.47
CA GLU A 8 -9.14 -13.11 -20.32
C GLU A 8 -9.98 -12.09 -21.09
N GLU A 9 -11.15 -12.51 -21.59
CA GLU A 9 -12.02 -11.58 -22.30
C GLU A 9 -12.49 -10.46 -21.38
N LEU A 10 -12.94 -10.81 -20.16
CA LEU A 10 -13.32 -9.78 -19.19
C LEU A 10 -12.15 -8.86 -18.88
N LEU A 11 -10.95 -9.43 -18.74
CA LEU A 11 -9.77 -8.62 -18.42
C LEU A 11 -9.45 -7.62 -19.51
N MET A 12 -9.84 -7.91 -20.76
CA MET A 12 -9.54 -7.01 -21.87
C MET A 12 -10.65 -6.01 -22.16
N GLN A 13 -11.91 -6.36 -21.87
CA GLN A 13 -13.04 -5.55 -22.31
C GLN A 13 -13.68 -4.73 -21.19
N ARG A 14 -13.42 -5.07 -19.93
CA ARG A 14 -14.08 -4.40 -18.81
C ARG A 14 -13.08 -3.59 -18.00
N SER A 15 -13.62 -2.68 -17.20
CA SER A 15 -12.82 -2.00 -16.18
C SER A 15 -12.49 -2.97 -15.06
N LEU A 16 -11.34 -2.75 -14.41
CA LEU A 16 -10.97 -3.59 -13.28
C LEU A 16 -11.94 -3.43 -12.11
N THR A 17 -12.75 -2.37 -12.10
CA THR A 17 -13.77 -2.17 -11.09
C THR A 17 -15.04 -2.98 -11.36
N ASP A 18 -15.13 -3.64 -12.50
CA ASP A 18 -16.35 -4.35 -12.87
C ASP A 18 -16.56 -5.53 -11.94
N PRO A 19 -17.74 -5.67 -11.32
CA PRO A 19 -17.96 -6.81 -10.42
CA PRO A 19 -17.96 -6.81 -10.42
C PRO A 19 -17.85 -8.16 -11.10
N GLN A 20 -18.21 -8.24 -12.38
CA GLN A 20 -18.10 -9.50 -13.10
C GLN A 20 -16.64 -9.90 -13.29
N LEU A 21 -15.76 -8.92 -13.52
CA LEU A 21 -14.33 -9.20 -13.62
C LEU A 21 -13.75 -9.60 -12.27
N GLN A 22 -14.13 -8.88 -11.21
CA GLN A 22 -13.62 -9.18 -9.88
C GLN A 22 -14.01 -10.59 -9.44
N ALA A 23 -15.23 -11.02 -9.79
CA ALA A 23 -15.68 -12.36 -9.40
C ALA A 23 -14.94 -13.44 -10.16
N ALA A 24 -14.63 -13.19 -11.44
CA ALA A 24 -13.90 -14.19 -12.23
C ALA A 24 -12.46 -14.32 -11.76
N ALA A 25 -11.84 -13.20 -11.37
CA ALA A 25 -10.47 -13.26 -10.87
C ALA A 25 -10.38 -13.97 -9.52
N ALA A 26 -11.46 -13.93 -8.74
CA ALA A 26 -11.47 -14.59 -7.44
C ALA A 26 -11.43 -16.11 -7.54
N ALA A 27 -11.77 -16.67 -8.70
CA ALA A 27 -11.77 -18.11 -8.90
C ALA A 27 -10.44 -18.65 -9.40
N ALA A 28 -9.42 -17.81 -9.52
CA ALA A 28 -8.12 -18.26 -9.98
C ALA A 28 -7.44 -19.15 -8.94
N ALA A 29 -6.48 -19.94 -9.41
CA ALA A 29 -5.72 -20.81 -8.51
C ALA A 29 -4.92 -19.99 -7.51
N ASP A 30 -4.51 -20.66 -6.43
CA ASP A 30 -3.87 -20.00 -5.30
C ASP A 30 -2.51 -20.66 -5.06
N PHE A 31 -1.43 -19.93 -5.36
CA PHE A 31 -0.07 -20.42 -5.20
C PHE A 31 0.57 -19.79 -3.97
N ARG A 32 1.13 -20.62 -3.10
CA ARG A 32 1.86 -20.16 -1.93
C ARG A 32 3.34 -20.14 -2.24
N ILE A 33 3.97 -18.98 -2.03
CA ILE A 33 5.36 -18.80 -2.46
C ILE A 33 6.32 -19.45 -1.47
N LEU A 34 6.12 -19.22 -0.17
CA LEU A 34 6.96 -19.79 0.88
C LEU A 34 6.07 -20.44 1.93
N PRO A 35 5.47 -21.59 1.62
CA PRO A 35 4.46 -22.16 2.54
C PRO A 35 5.03 -22.77 3.81
N ASP A 36 6.34 -23.05 3.87
CA ASP A 36 6.92 -23.69 5.03
C ASP A 36 7.59 -22.70 6.00
N ALA A 37 7.51 -21.41 5.73
CA ALA A 37 8.18 -20.42 6.57
C ALA A 37 7.23 -19.86 7.61
N THR A 38 7.82 -19.35 8.70
CA THR A 38 7.10 -18.67 9.76
C THR A 38 7.62 -17.25 9.88
N VAL A 39 6.71 -16.28 9.95
CA VAL A 39 7.07 -14.88 10.12
C VAL A 39 6.94 -14.52 11.60
N ILE A 40 8.00 -13.93 12.14
CA ILE A 40 8.05 -13.51 13.54
C ILE A 40 8.40 -12.03 13.57
N LYS A 41 7.70 -11.27 14.42
CA LYS A 41 7.99 -9.85 14.61
C LYS A 41 8.55 -9.65 16.02
N ILE A 42 9.76 -9.12 16.09
CA ILE A 42 10.38 -8.77 17.37
C ILE A 42 10.02 -7.32 17.68
N GLY A 43 9.37 -7.11 18.82
CA GLY A 43 8.87 -5.78 19.12
C GLY A 43 10.01 -4.78 19.34
N GLY A 44 9.78 -3.54 18.90
CA GLY A 44 10.74 -2.49 19.09
C GLY A 44 10.73 -1.96 20.51
N GLN A 45 9.61 -1.37 20.91
CA GLN A 45 9.49 -0.85 22.27
C GLN A 45 9.43 -1.97 23.29
N SER A 46 8.83 -3.10 22.92
CA SER A 46 8.59 -4.18 23.88
C SER A 46 9.82 -5.06 24.10
N VAL A 47 10.77 -5.10 23.16
CA VAL A 47 11.90 -6.02 23.27
C VAL A 47 13.22 -5.31 23.03
N ILE A 48 13.43 -4.82 21.80
CA ILE A 48 14.76 -4.35 21.41
C ILE A 48 15.16 -3.12 22.22
N ASP A 49 14.21 -2.24 22.51
CA ASP A 49 14.51 -1.06 23.32
C ASP A 49 14.98 -1.43 24.73
N ARG A 50 14.71 -2.65 25.18
CA ARG A 50 15.08 -3.06 26.53
C ARG A 50 16.52 -3.53 26.65
N GLY A 51 17.20 -3.78 25.54
CA GLY A 51 18.62 -4.05 25.59
C GLY A 51 19.06 -5.49 25.75
N ARG A 52 20.15 -5.68 26.47
CA ARG A 52 20.78 -7.00 26.53
CA ARG A 52 20.80 -7.00 26.54
C ARG A 52 19.90 -8.03 27.23
N ALA A 53 19.25 -7.63 28.33
CA ALA A 53 18.47 -8.58 29.12
C ALA A 53 17.35 -9.23 28.31
N ALA A 54 16.84 -8.54 27.29
CA ALA A 54 15.75 -9.05 26.47
C ALA A 54 16.21 -9.63 25.15
N VAL A 55 17.22 -9.01 24.52
CA VAL A 55 17.60 -9.40 23.17
C VAL A 55 18.47 -10.66 23.17
N TYR A 56 19.43 -10.74 24.09
CA TYR A 56 20.34 -11.88 24.10
C TYR A 56 19.64 -13.22 24.26
N PRO A 57 18.66 -13.40 25.16
CA PRO A 57 17.97 -14.70 25.21
C PRO A 57 17.18 -15.00 23.95
N LEU A 58 16.63 -13.99 23.28
CA LEU A 58 15.88 -14.24 22.06
C LEU A 58 16.80 -14.60 20.89
N VAL A 59 18.00 -14.01 20.85
CA VAL A 59 18.98 -14.43 19.85
C VAL A 59 19.32 -15.91 20.02
N ASP A 60 19.46 -16.35 21.27
CA ASP A 60 19.74 -17.76 21.52
C ASP A 60 18.60 -18.65 21.04
N GLU A 61 17.35 -18.22 21.27
CA GLU A 61 16.21 -19.00 20.80
C GLU A 61 16.15 -19.06 19.28
N ILE A 62 16.48 -17.94 18.61
CA ILE A 62 16.45 -17.90 17.15
C ILE A 62 17.47 -18.87 16.57
N VAL A 63 18.68 -18.87 17.12
CA VAL A 63 19.73 -19.76 16.63
C VAL A 63 19.35 -21.21 16.83
N ALA A 64 18.70 -21.52 17.96
CA ALA A 64 18.29 -22.89 18.22
C ALA A 64 17.06 -23.29 17.40
N ALA A 65 16.18 -22.34 17.09
CA ALA A 65 14.94 -22.67 16.40
C ALA A 65 15.15 -22.91 14.91
N ARG A 66 16.11 -22.24 14.30
CA ARG A 66 16.31 -22.37 12.85
C ARG A 66 16.81 -23.75 12.44
N LYS A 67 17.18 -24.60 13.41
CA LYS A 67 17.55 -25.97 13.06
C LYS A 67 16.36 -26.78 12.58
N ASN A 68 15.15 -26.43 13.03
CA ASN A 68 13.95 -27.16 12.65
C ASN A 68 12.85 -26.28 12.08
N HIS A 69 13.04 -24.96 12.01
CA HIS A 69 11.99 -24.06 11.55
C HIS A 69 12.59 -22.96 10.70
N LYS A 70 12.01 -22.74 9.52
CA LYS A 70 12.42 -21.63 8.66
C LYS A 70 11.75 -20.35 9.13
N LEU A 71 12.53 -19.29 9.30
CA LEU A 71 12.07 -18.08 9.97
C LEU A 71 12.34 -16.83 9.12
N LEU A 72 11.35 -15.93 9.11
CA LEU A 72 11.51 -14.57 8.62
C LEU A 72 11.29 -13.64 9.81
N ILE A 73 12.33 -12.93 10.21
CA ILE A 73 12.35 -12.18 11.46
C ILE A 73 12.29 -10.70 11.14
N GLY A 74 11.16 -10.07 11.46
CA GLY A 74 11.00 -8.63 11.28
C GLY A 74 11.15 -7.88 12.60
N THR A 75 11.57 -6.63 12.50
CA THR A 75 11.83 -5.80 13.67
C THR A 75 10.84 -4.64 13.75
N GLY A 76 10.50 -4.27 14.99
CA GLY A 76 9.70 -3.10 15.23
C GLY A 76 10.55 -1.84 15.31
N ALA A 77 9.89 -0.72 15.61
CA ALA A 77 10.55 0.57 15.67
C ALA A 77 10.85 0.97 17.11
N GLY A 78 9.86 1.49 17.82
CA GLY A 78 10.04 1.79 19.23
C GLY A 78 10.04 3.25 19.60
N THR A 79 10.75 3.58 20.69
CA THR A 79 10.64 4.91 21.28
C THR A 79 11.27 5.99 20.42
N ARG A 80 12.30 5.65 19.62
CA ARG A 80 12.90 6.66 18.75
C ARG A 80 11.95 7.08 17.65
N ALA A 81 11.10 6.16 17.17
CA ALA A 81 10.09 6.53 16.19
C ALA A 81 9.00 7.39 16.81
N ARG A 82 8.65 7.11 18.07
CA ARG A 82 7.67 7.95 18.76
C ARG A 82 8.19 9.37 18.95
N HIS A 83 9.50 9.52 19.18
CA HIS A 83 10.08 10.85 19.30
C HIS A 83 10.03 11.58 17.95
N LEU A 84 10.32 10.88 16.86
CA LEU A 84 10.23 11.49 15.54
C LEU A 84 8.80 11.87 15.19
N TYR A 85 7.85 11.00 15.54
CA TYR A 85 6.44 11.31 15.28
C TYR A 85 6.01 12.57 16.03
N SER A 86 6.46 12.72 17.27
CA SER A 86 6.06 13.88 18.07
CA SER A 86 6.06 13.88 18.07
C SER A 86 6.63 15.17 17.49
N ILE A 87 7.88 15.15 17.03
CA ILE A 87 8.47 16.35 16.45
C ILE A 87 7.76 16.72 15.16
N ALA A 88 7.55 15.74 14.27
CA ALA A 88 6.96 16.03 12.97
C ALA A 88 5.49 16.40 13.08
N ALA A 89 4.76 15.76 14.00
CA ALA A 89 3.35 16.09 14.18
C ALA A 89 3.18 17.51 14.72
N GLY A 90 4.09 17.93 15.60
CA GLY A 90 4.05 19.30 16.11
C GLY A 90 4.31 20.35 15.06
N LEU A 91 4.99 19.98 13.96
CA LEU A 91 5.23 20.89 12.86
C LEU A 91 4.12 20.86 11.82
N GLY A 92 3.13 19.98 11.96
CA GLY A 92 2.07 19.89 10.99
C GLY A 92 2.41 19.08 9.76
N LEU A 93 3.35 18.15 9.86
CA LEU A 93 3.70 17.33 8.71
C LEU A 93 2.71 16.18 8.55
N PRO A 94 2.42 15.79 7.31
CA PRO A 94 1.39 14.77 7.08
C PRO A 94 1.90 13.36 7.34
N ALA A 95 0.96 12.41 7.33
CA ALA A 95 1.29 11.03 7.67
C ALA A 95 2.30 10.43 6.71
N GLY A 96 2.28 10.83 5.44
CA GLY A 96 3.24 10.28 4.49
C GLY A 96 4.67 10.60 4.84
N VAL A 97 4.91 11.81 5.39
CA VAL A 97 6.25 12.18 5.80
C VAL A 97 6.67 11.40 7.04
N LEU A 98 5.75 11.21 7.99
CA LEU A 98 6.07 10.45 9.20
C LEU A 98 6.38 8.99 8.89
N ALA A 99 5.78 8.44 7.84
CA ALA A 99 6.01 7.04 7.50
C ALA A 99 7.48 6.79 7.15
N GLN A 100 8.10 7.72 6.42
CA GLN A 100 9.51 7.56 6.07
C GLN A 100 10.40 7.67 7.29
N LEU A 101 10.05 8.56 8.22
CA LEU A 101 10.84 8.71 9.44
C LEU A 101 10.82 7.44 10.27
N GLY A 102 9.67 6.76 10.34
CA GLY A 102 9.58 5.55 11.13
C GLY A 102 10.36 4.38 10.55
N SER A 103 10.48 4.33 9.22
CA SER A 103 11.20 3.22 8.59
C SER A 103 12.67 3.22 8.98
N SER A 104 13.26 4.40 9.18
CA SER A 104 14.67 4.48 9.54
C SER A 104 14.95 3.86 10.91
N VAL A 105 14.00 3.99 11.85
CA VAL A 105 14.20 3.42 13.18
C VAL A 105 14.12 1.90 13.13
N ALA A 106 13.17 1.37 12.36
CA ALA A 106 13.10 -0.08 12.18
C ALA A 106 14.34 -0.62 11.49
N ASP A 107 14.93 0.17 10.58
CA ASP A 107 16.19 -0.23 9.95
C ASP A 107 17.32 -0.30 10.96
N GLN A 108 17.37 0.68 11.88
CA GLN A 108 18.37 0.66 12.95
C GLN A 108 18.29 -0.64 13.75
N ASN A 109 17.07 -1.02 14.16
CA ASN A 109 16.91 -2.20 14.99
C ASN A 109 17.24 -3.49 14.24
N ALA A 110 16.94 -3.54 12.94
CA ALA A 110 17.30 -4.71 12.15
C ALA A 110 18.82 -4.83 12.02
N ALA A 111 19.52 -3.70 11.92
CA ALA A 111 20.97 -3.75 11.80
C ALA A 111 21.62 -4.22 13.10
N MET A 112 21.09 -3.79 14.25
CA MET A 112 21.64 -4.25 15.52
C MET A 112 21.40 -5.73 15.73
N LEU A 113 20.19 -6.21 15.40
CA LEU A 113 19.90 -7.63 15.55
CA LEU A 113 19.89 -7.63 15.54
C LEU A 113 20.74 -8.47 14.59
N GLY A 114 20.93 -7.99 13.36
CA GLY A 114 21.68 -8.74 12.38
C GLY A 114 23.15 -8.89 12.71
N GLN A 115 23.72 -7.91 13.40
CA GLN A 115 25.13 -8.00 13.77
C GLN A 115 25.35 -8.99 14.91
N LEU A 116 24.33 -9.22 15.74
CA LEU A 116 24.42 -10.27 16.75
C LEU A 116 24.22 -11.65 16.17
N LEU A 117 23.62 -11.77 14.99
CA LEU A 117 23.35 -13.04 14.35
C LEU A 117 24.30 -13.35 13.19
N ALA A 118 25.19 -12.41 12.84
CA ALA A 118 26.02 -12.58 11.66
C ALA A 118 26.93 -13.79 11.77
N LYS A 119 27.52 -14.00 12.95
CA LYS A 119 28.44 -15.14 13.13
C LYS A 119 27.72 -16.48 13.05
N HIS A 120 26.39 -16.49 13.08
CA HIS A 120 25.62 -17.72 12.89
C HIS A 120 25.13 -17.88 11.46
N GLY A 121 25.44 -16.93 10.58
CA GLY A 121 25.13 -17.04 9.17
C GLY A 121 23.80 -16.42 8.74
N ILE A 122 23.09 -15.77 9.65
CA ILE A 122 21.77 -15.21 9.35
C ILE A 122 21.96 -13.78 8.87
N PRO A 123 21.53 -13.43 7.65
CA PRO A 123 21.78 -12.08 7.14
C PRO A 123 20.62 -11.12 7.31
N VAL A 124 20.90 -9.83 7.20
CA VAL A 124 19.86 -8.80 7.07
C VAL A 124 19.58 -8.60 5.59
N VAL A 125 18.31 -8.61 5.23
CA VAL A 125 17.92 -8.61 3.82
C VAL A 125 16.93 -7.49 3.56
N GLY A 126 16.91 -7.03 2.31
CA GLY A 126 15.91 -6.10 1.83
C GLY A 126 15.05 -6.75 0.76
N GLY A 127 14.30 -7.77 1.17
CA GLY A 127 13.57 -8.61 0.23
C GLY A 127 13.47 -10.02 0.79
N ALA A 128 12.90 -10.12 2.00
CA ALA A 128 12.98 -11.37 2.76
C ALA A 128 12.28 -12.52 2.05
N GLY A 129 11.03 -12.29 1.63
CA GLY A 129 10.29 -13.33 0.94
C GLY A 129 10.90 -13.77 -0.39
N LEU A 130 11.82 -12.98 -0.93
CA LEU A 130 12.54 -13.34 -2.15
C LEU A 130 13.98 -13.76 -1.90
N SER A 131 14.43 -13.76 -0.65
CA SER A 131 15.77 -14.22 -0.31
C SER A 131 15.73 -15.75 -0.26
N ALA A 132 15.78 -16.36 -1.44
CA ALA A 132 15.50 -17.78 -1.57
C ALA A 132 16.65 -18.64 -1.07
N VAL A 133 17.89 -18.20 -1.25
CA VAL A 133 19.06 -19.03 -0.94
C VAL A 133 19.21 -19.23 0.57
N PRO A 134 19.24 -18.19 1.40
CA PRO A 134 19.43 -18.44 2.85
C PRO A 134 18.27 -19.19 3.48
N LEU A 135 17.04 -18.99 3.00
CA LEU A 135 15.90 -19.72 3.52
C LEU A 135 15.89 -21.19 3.09
N SER A 136 16.70 -21.57 2.11
CA SER A 136 16.74 -22.95 1.64
CA SER A 136 16.73 -22.95 1.64
C SER A 136 17.89 -23.75 2.22
N LEU A 137 18.88 -23.11 2.81
CA LEU A 137 20.03 -23.79 3.37
C LEU A 137 19.77 -24.15 4.82
N ALA A 138 20.00 -25.43 5.16
CA ALA A 138 19.86 -25.84 6.56
C ALA A 138 20.88 -25.14 7.45
N GLU A 139 22.00 -24.71 6.87
CA GLU A 139 23.02 -24.00 7.63
C GLU A 139 22.58 -22.60 8.03
N VAL A 140 21.57 -22.04 7.35
CA VAL A 140 21.09 -20.69 7.63
C VAL A 140 19.64 -20.76 8.08
N ASN A 141 18.72 -20.90 7.12
CA ASN A 141 17.31 -21.16 7.36
C ASN A 141 16.59 -19.99 8.03
N ALA A 142 17.13 -18.78 7.92
CA ALA A 142 16.50 -17.62 8.54
C ALA A 142 17.08 -16.34 7.97
N VAL A 143 16.27 -15.28 7.98
CA VAL A 143 16.71 -13.94 7.57
C VAL A 143 16.09 -12.92 8.50
N VAL A 144 16.70 -11.73 8.54
CA VAL A 144 16.22 -10.60 9.33
C VAL A 144 15.86 -9.48 8.38
N PHE A 145 14.72 -8.82 8.62
CA PHE A 145 14.28 -7.71 7.79
C PHE A 145 13.65 -6.64 8.67
N SER A 146 13.53 -5.44 8.10
CA SER A 146 12.85 -4.34 8.76
C SER A 146 11.35 -4.39 8.48
N GLY A 147 10.55 -4.13 9.51
CA GLY A 147 9.13 -4.38 9.45
C GLY A 147 8.23 -3.30 8.92
N MET A 148 8.77 -2.13 8.55
CA MET A 148 7.89 -1.04 8.12
C MET A 148 7.45 -1.26 6.67
N PRO A 149 6.21 -0.92 6.34
CA PRO A 149 5.72 -1.06 4.96
C PRO A 149 6.38 -0.04 4.05
N PRO A 150 6.35 -0.27 2.72
CA PRO A 150 7.06 0.61 1.79
C PRO A 150 6.28 1.83 1.32
N TYR A 151 5.22 2.20 2.03
CA TYR A 151 4.26 3.15 1.45
C TYR A 151 4.85 4.55 1.34
N LYS A 152 5.69 4.96 2.28
CA LYS A 152 6.38 6.26 2.27
C LYS A 152 5.32 7.36 2.15
N LEU A 153 5.48 8.30 1.21
CA LEU A 153 4.54 9.40 1.06
C LEU A 153 3.16 8.94 0.61
N TRP A 154 3.05 7.72 0.07
CA TRP A 154 1.78 7.16 -0.36
C TRP A 154 1.04 6.44 0.77
N MET A 155 1.47 6.63 2.01
CA MET A 155 0.80 6.03 3.16
C MET A 155 -0.62 6.56 3.28
N ARG A 156 -1.59 5.66 3.44
CA ARG A 156 -2.96 6.06 3.68
C ARG A 156 -3.09 6.61 5.10
N PRO A 157 -3.55 7.83 5.29
CA PRO A 157 -3.67 8.37 6.65
C PRO A 157 -4.85 7.78 7.39
N ALA A 158 -4.78 7.89 8.71
CA ALA A 158 -5.90 7.46 9.55
C ALA A 158 -7.03 8.49 9.47
N ALA A 159 -8.16 8.15 10.08
CA ALA A 159 -9.32 9.05 10.07
C ALA A 159 -9.02 10.36 10.79
N GLU A 160 -8.21 10.31 11.84
CA GLU A 160 -7.82 11.49 12.59
C GLU A 160 -6.35 11.36 13.00
N GLY A 161 -5.64 12.49 12.99
CA GLY A 161 -4.24 12.51 13.33
C GLY A 161 -3.35 12.17 12.15
N VAL A 162 -2.05 12.37 12.35
CA VAL A 162 -1.05 12.16 11.32
C VAL A 162 -0.14 10.99 11.62
N ILE A 163 -0.42 10.22 12.66
CA ILE A 163 0.37 9.03 12.94
C ILE A 163 0.08 7.97 11.89
N PRO A 164 1.09 7.38 11.25
CA PRO A 164 0.84 6.37 10.23
C PRO A 164 0.11 5.17 10.83
N PRO A 165 -1.03 4.78 10.25
CA PRO A 165 -1.79 3.65 10.83
C PRO A 165 -1.20 2.29 10.50
N TYR A 166 -0.41 2.17 9.44
CA TYR A 166 0.18 0.89 9.03
C TYR A 166 1.68 0.93 9.35
N ARG A 167 2.06 0.31 10.46
CA ARG A 167 3.45 0.32 10.89
C ARG A 167 4.02 -1.09 10.89
N THR A 168 4.85 -1.43 11.89
CA THR A 168 5.62 -2.68 11.79
C THR A 168 4.75 -3.92 11.99
N ASP A 169 3.68 -3.82 12.79
CA ASP A 169 2.75 -4.95 12.90
C ASP A 169 2.13 -5.27 11.55
N ALA A 170 1.69 -4.23 10.82
CA ALA A 170 1.05 -4.44 9.53
C ALA A 170 2.06 -4.90 8.49
N GLY A 171 3.27 -4.33 8.51
CA GLY A 171 4.28 -4.71 7.53
C GLY A 171 4.66 -6.17 7.62
N CYS A 172 4.82 -6.67 8.86
CA CYS A 172 5.20 -8.08 9.02
C CYS A 172 4.04 -9.01 8.65
N PHE A 173 2.80 -8.62 9.00
CA PHE A 173 1.67 -9.48 8.68
C PHE A 173 1.46 -9.57 7.17
N LEU A 174 1.60 -8.45 6.46
CA LEU A 174 1.39 -8.47 5.01
C LEU A 174 2.44 -9.31 4.29
N LEU A 175 3.65 -9.39 4.85
CA LEU A 175 4.64 -10.32 4.32
C LEU A 175 4.18 -11.76 4.46
N ALA A 176 3.73 -12.14 5.66
CA ALA A 176 3.25 -13.49 5.89
C ALA A 176 2.09 -13.83 4.96
N GLU A 177 1.20 -12.86 4.72
CA GLU A 177 0.07 -13.11 3.84
C GLU A 177 0.49 -13.21 2.38
N GLN A 178 1.38 -12.32 1.94
CA GLN A 178 1.77 -12.29 0.54
C GLN A 178 2.47 -13.58 0.11
N PHE A 179 3.36 -14.09 0.95
CA PHE A 179 4.14 -15.27 0.61
C PHE A 179 3.52 -16.57 1.10
N GLY A 180 2.29 -16.51 1.62
CA GLY A 180 1.58 -17.74 1.99
C GLY A 180 2.24 -18.53 3.09
N CYS A 181 2.83 -17.85 4.07
CA CYS A 181 3.48 -18.54 5.17
C CYS A 181 2.45 -19.24 6.05
N LYS A 182 2.92 -20.20 6.84
CA LYS A 182 2.05 -21.05 7.63
C LYS A 182 1.78 -20.51 9.04
N GLN A 183 2.48 -19.47 9.47
CA GLN A 183 2.40 -19.04 10.86
C GLN A 183 2.89 -17.60 10.99
N MET A 184 2.23 -16.83 11.85
CA MET A 184 2.60 -15.45 12.13
C MET A 184 2.57 -15.25 13.64
N ILE A 185 3.72 -14.89 14.21
CA ILE A 185 3.88 -14.76 15.66
C ILE A 185 4.37 -13.36 15.98
N PHE A 186 3.65 -12.66 16.86
CA PHE A 186 4.04 -11.35 17.34
C PHE A 186 4.69 -11.50 18.72
N VAL A 187 5.92 -11.01 18.85
CA VAL A 187 6.69 -11.15 20.08
C VAL A 187 6.67 -9.80 20.80
N LYS A 188 5.96 -9.73 21.92
CA LYS A 188 5.79 -8.49 22.67
C LYS A 188 6.31 -8.64 24.10
N ASP A 189 5.83 -7.80 25.02
CA ASP A 189 6.29 -7.81 26.40
C ASP A 189 5.17 -8.11 27.39
N GLU A 190 4.05 -8.66 26.91
CA GLU A 190 2.97 -9.10 27.76
C GLU A 190 2.60 -10.54 27.38
N ASP A 191 2.01 -11.26 28.35
CA ASP A 191 1.66 -12.65 28.12
C ASP A 191 0.66 -12.80 26.97
N GLY A 192 -0.15 -11.78 26.73
CA GLY A 192 -1.11 -11.85 25.62
C GLY A 192 -2.12 -10.73 25.70
N LEU A 193 -3.33 -11.03 25.23
CA LEU A 193 -4.43 -10.08 25.24
C LEU A 193 -5.19 -10.19 26.56
N TYR A 194 -5.50 -9.05 27.15
CA TYR A 194 -6.28 -8.97 28.38
C TYR A 194 -7.55 -8.19 28.12
N THR A 195 -8.50 -8.29 29.07
CA THR A 195 -9.73 -7.51 28.98
C THR A 195 -9.48 -6.02 29.08
N ALA A 196 -8.34 -5.62 29.65
CA ALA A 196 -7.93 -4.22 29.69
C ALA A 196 -6.42 -4.16 29.61
N ASN A 197 -5.89 -2.94 29.51
CA ASN A 197 -4.45 -2.76 29.46
C ASN A 197 -3.82 -3.25 30.76
N PRO A 198 -3.00 -4.30 30.72
CA PRO A 198 -2.46 -4.84 31.99
C PRO A 198 -1.46 -3.91 32.66
N LYS A 199 -0.90 -2.94 31.95
CA LYS A 199 0.05 -2.03 32.57
C LYS A 199 -0.63 -0.95 33.41
N THR A 200 -1.85 -0.56 33.04
CA THR A 200 -2.55 0.52 33.73
C THR A 200 -3.84 0.06 34.41
N SER A 201 -4.10 -1.24 34.45
CA SER A 201 -5.28 -1.81 35.09
C SER A 201 -4.89 -3.05 35.85
N LYS A 202 -5.42 -3.19 37.07
CA LYS A 202 -4.99 -4.27 37.97
C LYS A 202 -5.89 -5.49 37.94
N ASP A 203 -7.08 -5.41 37.33
CA ASP A 203 -8.02 -6.52 37.31
C ASP A 203 -8.27 -7.05 35.90
N ALA A 204 -7.34 -6.85 34.97
CA ALA A 204 -7.50 -7.37 33.63
C ALA A 204 -7.45 -8.90 33.63
N THR A 205 -8.31 -9.51 32.83
CA THR A 205 -8.42 -10.96 32.73
C THR A 205 -7.79 -11.43 31.42
N PHE A 206 -7.03 -12.51 31.50
CA PHE A 206 -6.32 -13.02 30.32
C PHE A 206 -7.29 -13.68 29.35
N ILE A 207 -7.06 -13.47 28.07
CA ILE A 207 -7.87 -14.05 27.00
C ILE A 207 -7.02 -14.99 26.16
N PRO A 208 -7.22 -16.31 26.26
CA PRO A 208 -6.38 -17.23 25.48
C PRO A 208 -6.70 -17.24 23.99
N ARG A 209 -7.96 -17.03 23.61
CA ARG A 209 -8.36 -17.16 22.22
C ARG A 209 -9.59 -16.30 21.97
N ILE A 210 -9.60 -15.61 20.83
CA ILE A 210 -10.69 -14.68 20.50
C ILE A 210 -10.65 -14.41 19.01
N SER A 211 -11.80 -14.08 18.44
CA SER A 211 -11.92 -13.69 17.05
C SER A 211 -11.91 -12.17 16.93
N VAL A 212 -11.69 -11.69 15.70
CA VAL A 212 -11.63 -10.24 15.47
C VAL A 212 -12.97 -9.60 15.77
N ASP A 213 -14.07 -10.26 15.38
CA ASP A 213 -15.40 -9.71 15.64
C ASP A 213 -15.67 -9.59 17.13
N GLU A 214 -15.26 -10.60 17.91
CA GLU A 214 -15.45 -10.54 19.35
C GLU A 214 -14.60 -9.45 19.99
N MET A 215 -13.42 -9.17 19.44
CA MET A 215 -12.58 -8.09 19.97
C MET A 215 -13.26 -6.74 19.80
N LYS A 216 -13.89 -6.51 18.65
CA LYS A 216 -14.50 -5.21 18.39
C LYS A 216 -15.73 -4.98 19.26
N ALA A 217 -16.54 -6.02 19.47
CA ALA A 217 -17.74 -5.89 20.28
C ALA A 217 -17.46 -5.66 21.75
N LYS A 218 -16.19 -5.61 22.16
CA LYS A 218 -15.81 -5.42 23.55
C LYS A 218 -14.79 -4.31 23.73
N GLY A 219 -14.65 -3.43 22.72
CA GLY A 219 -13.75 -2.29 22.82
C GLY A 219 -12.28 -2.62 22.76
N LEU A 220 -11.91 -3.83 22.34
CA LEU A 220 -10.51 -4.24 22.30
C LEU A 220 -9.90 -4.08 20.91
N HIS A 221 -10.48 -3.23 20.05
CA HIS A 221 -10.00 -3.12 18.67
C HIS A 221 -8.57 -2.60 18.63
N ASP A 222 -8.24 -1.62 19.47
CA ASP A 222 -6.91 -1.02 19.50
C ASP A 222 -6.28 -1.32 20.86
N SER A 223 -5.53 -2.41 20.94
CA SER A 223 -4.87 -2.79 22.18
C SER A 223 -3.48 -3.35 21.91
N ILE A 224 -3.32 -4.67 22.02
CA ILE A 224 -2.00 -5.29 21.90
C ILE A 224 -1.48 -5.21 20.47
N LEU A 225 -2.37 -5.12 19.49
CA LEU A 225 -2.00 -5.04 18.09
C LEU A 225 -2.59 -3.77 17.47
N GLU A 226 -1.90 -3.25 16.45
CA GLU A 226 -2.42 -2.15 15.67
C GLU A 226 -3.81 -2.49 15.15
N PHE A 227 -4.76 -1.60 15.39
CA PHE A 227 -6.13 -1.86 14.96
C PHE A 227 -6.27 -2.06 13.44
N PRO A 228 -5.46 -1.45 12.57
CA PRO A 228 -5.58 -1.77 11.14
C PRO A 228 -5.16 -3.18 10.78
N VAL A 229 -4.29 -3.83 11.57
CA VAL A 229 -3.87 -5.19 11.23
C VAL A 229 -4.98 -6.20 11.49
N LEU A 230 -5.91 -5.90 12.41
CA LEU A 230 -7.04 -6.80 12.62
C LEU A 230 -7.98 -6.82 11.42
N ASP A 231 -8.12 -5.67 10.74
CA ASP A 231 -8.96 -5.62 9.55
C ASP A 231 -8.26 -6.31 8.38
N LEU A 232 -6.94 -6.19 8.29
CA LEU A 232 -6.20 -6.93 7.27
C LEU A 232 -6.32 -8.43 7.50
N LEU A 233 -6.38 -8.86 8.76
CA LEU A 233 -6.50 -10.28 9.06
C LEU A 233 -7.83 -10.85 8.56
N GLN A 234 -8.91 -10.07 8.68
CA GLN A 234 -10.20 -10.55 8.23
C GLN A 234 -10.29 -10.67 6.71
N SER A 235 -9.44 -9.96 5.97
CA SER A 235 -9.44 -10.01 4.51
C SER A 235 -8.39 -10.94 3.95
N ALA A 236 -7.56 -11.56 4.81
CA ALA A 236 -6.44 -12.35 4.34
C ALA A 236 -6.89 -13.64 3.65
N GLN A 237 -6.06 -14.11 2.73
CA GLN A 237 -6.32 -15.35 2.00
C GLN A 237 -5.56 -16.54 2.58
N HIS A 238 -4.36 -16.32 3.09
CA HIS A 238 -3.46 -17.39 3.50
C HIS A 238 -3.26 -17.51 5.00
N VAL A 239 -3.18 -16.39 5.71
CA VAL A 239 -2.95 -16.38 7.15
C VAL A 239 -4.25 -15.94 7.82
N ARG A 240 -4.95 -16.90 8.42
CA ARG A 240 -6.26 -16.66 9.01
C ARG A 240 -6.23 -16.56 10.53
N GLU A 241 -5.05 -16.62 11.15
CA GLU A 241 -4.93 -16.43 12.58
C GLU A 241 -3.50 -16.02 12.91
N VAL A 242 -3.36 -15.30 14.02
CA VAL A 242 -2.06 -14.86 14.51
C VAL A 242 -1.93 -15.22 15.99
N GLN A 243 -0.69 -15.23 16.46
CA GLN A 243 -0.39 -15.54 17.86
C GLN A 243 0.49 -14.45 18.45
N VAL A 244 0.17 -14.03 19.67
CA VAL A 244 0.92 -13.00 20.39
C VAL A 244 1.48 -13.62 21.65
N VAL A 245 2.81 -13.57 21.80
CA VAL A 245 3.49 -14.19 22.92
C VAL A 245 4.39 -13.17 23.61
N ASN A 246 4.80 -13.52 24.83
CA ASN A 246 5.67 -12.68 25.64
C ASN A 246 7.13 -13.09 25.39
N GLY A 247 7.88 -12.20 24.74
CA GLY A 247 9.28 -12.49 24.46
C GLY A 247 10.22 -12.38 25.64
N LEU A 248 9.76 -11.80 26.74
CA LEU A 248 10.59 -11.69 27.94
C LEU A 248 10.58 -12.95 28.79
N VAL A 249 9.75 -13.93 28.45
CA VAL A 249 9.72 -15.21 29.17
C VAL A 249 10.67 -16.17 28.47
N PRO A 250 11.62 -16.77 29.18
CA PRO A 250 12.58 -17.66 28.53
C PRO A 250 11.90 -18.84 27.86
N GLY A 251 12.21 -19.04 26.58
CA GLY A 251 11.72 -20.17 25.82
C GLY A 251 10.34 -20.03 25.25
N ASN A 252 9.69 -18.87 25.39
CA ASN A 252 8.33 -18.71 24.92
C ASN A 252 8.24 -18.80 23.40
N LEU A 253 9.20 -18.20 22.70
CA LEU A 253 9.22 -18.30 21.24
C LEU A 253 9.49 -19.73 20.79
N THR A 254 10.39 -20.43 21.48
CA THR A 254 10.68 -21.82 21.14
C THR A 254 9.44 -22.70 21.32
N ARG A 255 8.71 -22.50 22.42
CA ARG A 255 7.52 -23.32 22.66
C ARG A 255 6.39 -22.98 21.69
N ALA A 256 6.25 -21.72 21.30
CA ALA A 256 5.22 -21.35 20.33
C ALA A 256 5.50 -22.00 18.98
N LEU A 257 6.78 -22.05 18.56
CA LEU A 257 7.13 -22.70 17.31
C LEU A 257 6.92 -24.21 17.37
N ALA A 258 6.89 -24.79 18.56
CA ALA A 258 6.65 -26.21 18.73
C ALA A 258 5.17 -26.57 18.79
N GLY A 259 4.29 -25.59 18.64
CA GLY A 259 2.86 -25.84 18.64
C GLY A 259 2.18 -25.71 19.99
N GLU A 260 2.86 -25.16 20.99
CA GLU A 260 2.25 -24.97 22.30
C GLU A 260 1.43 -23.69 22.32
N HIS A 261 0.29 -23.73 23.00
CA HIS A 261 -0.66 -22.62 22.97
C HIS A 261 -0.35 -21.58 24.04
N VAL A 262 0.86 -21.05 23.97
CA VAL A 262 1.26 -19.94 24.83
C VAL A 262 0.71 -18.65 24.24
N GLY A 263 0.41 -17.69 25.11
CA GLY A 263 -0.07 -16.40 24.64
C GLY A 263 -1.52 -16.45 24.20
N THR A 264 -1.86 -15.54 23.27
CA THR A 264 -3.22 -15.38 22.79
C THR A 264 -3.27 -15.67 21.29
N ILE A 265 -4.27 -16.44 20.87
CA ILE A 265 -4.52 -16.72 19.47
C ILE A 265 -5.70 -15.87 19.01
N ILE A 266 -5.49 -15.09 17.96
CA ILE A 266 -6.53 -14.23 17.40
C ILE A 266 -6.88 -14.74 16.01
N THR A 267 -8.15 -15.09 15.81
CA THR A 267 -8.63 -15.67 14.57
C THR A 267 -9.40 -14.65 13.75
N ALA A 268 -9.35 -14.81 12.43
CA ALA A 268 -10.08 -13.89 11.54
C ALA A 268 -11.59 -14.06 11.69
N SER A 269 -12.04 -15.29 11.87
CA SER A 269 -13.48 -15.55 12.03
C SER A 269 -13.72 -16.49 13.21
N ARG B 32 -5.35 20.94 10.42
CA ARG B 32 -4.89 20.07 9.34
C ARG B 32 -3.39 20.27 9.09
N PRO B 33 -2.73 19.25 8.54
CA PRO B 33 -1.30 19.40 8.22
C PRO B 33 -1.05 20.51 7.22
N ILE B 34 0.20 20.97 7.17
CA ILE B 34 0.57 22.03 6.25
C ILE B 34 0.62 21.49 4.83
N ARG B 35 0.60 22.41 3.86
CA ARG B 35 0.73 22.08 2.46
C ARG B 35 2.20 22.13 2.07
N LEU B 36 2.74 20.99 1.62
CA LEU B 36 4.16 20.93 1.27
C LEU B 36 4.46 21.72 0.01
N LEU B 37 3.67 21.50 -1.04
CA LEU B 37 3.85 22.16 -2.33
C LEU B 37 2.51 22.73 -2.78
N PRO B 38 2.11 23.88 -2.20
CA PRO B 38 0.77 24.41 -2.50
C PRO B 38 0.60 24.91 -3.92
N TRP B 39 1.69 25.19 -4.63
CA TRP B 39 1.62 25.70 -6.00
C TRP B 39 1.65 24.60 -7.06
N LEU B 40 1.58 23.34 -6.65
CA LEU B 40 1.72 22.21 -7.56
C LEU B 40 0.37 21.80 -8.16
N GLN B 41 0.40 21.46 -9.44
CA GLN B 41 -0.75 20.88 -10.14
C GLN B 41 -0.38 19.47 -10.60
N VAL B 42 -1.24 18.50 -10.29
CA VAL B 42 -1.00 17.10 -10.61
C VAL B 42 -1.99 16.67 -11.69
N VAL B 43 -1.49 15.97 -12.70
CA VAL B 43 -2.30 15.49 -13.82
C VAL B 43 -2.01 14.00 -14.00
N LYS B 44 -3.07 13.19 -13.99
CA LYS B 44 -2.96 11.75 -14.19
C LYS B 44 -3.45 11.41 -15.59
N ILE B 45 -2.61 10.75 -16.37
CA ILE B 45 -2.93 10.34 -17.74
C ILE B 45 -3.25 8.85 -17.73
N GLY B 46 -4.45 8.51 -18.18
CA GLY B 46 -4.87 7.11 -18.14
C GLY B 46 -4.07 6.25 -19.10
N GLY B 47 -3.82 5.01 -18.68
CA GLY B 47 -3.05 4.09 -19.50
C GLY B 47 -3.73 3.75 -20.81
N ARG B 48 -5.07 3.70 -20.81
CA ARG B 48 -5.81 3.42 -22.04
C ARG B 48 -5.71 4.57 -23.03
N VAL B 49 -5.45 5.80 -22.56
CA VAL B 49 -5.18 6.90 -23.47
C VAL B 49 -3.86 6.69 -24.18
N MET B 50 -2.82 6.32 -23.43
CA MET B 50 -1.53 6.01 -24.04
C MET B 50 -1.62 4.83 -24.99
N ASP B 51 -2.52 3.89 -24.71
CA ASP B 51 -2.66 2.70 -25.56
C ASP B 51 -3.10 3.04 -26.99
N ARG B 52 -3.72 4.19 -27.19
CA ARG B 52 -4.20 4.55 -28.52
C ARG B 52 -3.09 5.01 -29.45
N GLY B 53 -1.87 5.20 -28.94
CA GLY B 53 -0.75 5.49 -29.80
C GLY B 53 -0.68 6.96 -30.22
N ALA B 54 0.06 7.19 -31.30
CA ALA B 54 0.35 8.54 -31.75
C ALA B 54 -0.91 9.34 -32.07
N ASP B 55 -1.98 8.67 -32.49
CA ASP B 55 -3.22 9.37 -32.81
C ASP B 55 -3.77 10.13 -31.60
N ALA B 56 -3.53 9.62 -30.39
CA ALA B 56 -3.94 10.31 -29.17
C ALA B 56 -2.80 10.98 -28.45
N ILE B 57 -1.58 10.45 -28.55
CA ILE B 57 -0.46 10.97 -27.79
C ILE B 57 0.05 12.28 -28.38
N LEU B 58 0.12 12.36 -29.71
CA LEU B 58 0.64 13.58 -30.34
C LEU B 58 -0.19 14.82 -30.03
N PRO B 59 -1.52 14.80 -30.11
CA PRO B 59 -2.28 15.98 -29.69
C PRO B 59 -2.15 16.29 -28.21
N LEU B 60 -2.04 15.26 -27.36
CA LEU B 60 -1.85 15.50 -25.93
C LEU B 60 -0.49 16.13 -25.66
N VAL B 61 0.54 15.71 -26.38
CA VAL B 61 1.88 16.26 -26.17
C VAL B 61 1.91 17.74 -26.53
N GLU B 62 1.23 18.12 -27.62
CA GLU B 62 1.22 19.53 -28.01
C GLU B 62 0.41 20.37 -27.02
N GLU B 63 -0.65 19.81 -26.44
CA GLU B 63 -1.39 20.55 -25.42
C GLU B 63 -0.56 20.71 -24.15
N LEU B 64 0.17 19.66 -23.77
CA LEU B 64 1.04 19.77 -22.59
C LEU B 64 2.16 20.76 -22.82
N ARG B 65 2.69 20.83 -24.05
CA ARG B 65 3.75 21.78 -24.36
C ARG B 65 3.30 23.21 -24.12
N LYS B 66 2.07 23.54 -24.49
CA LYS B 66 1.55 24.89 -24.29
C LYS B 66 1.19 25.16 -22.84
N LEU B 67 1.01 24.13 -22.02
CA LEU B 67 0.68 24.31 -20.61
C LEU B 67 1.91 24.52 -19.73
N LEU B 68 3.10 24.14 -20.22
CA LEU B 68 4.31 24.27 -19.42
C LEU B 68 4.57 25.68 -18.89
N PRO B 69 4.42 26.75 -19.68
CA PRO B 69 4.65 28.10 -19.12
C PRO B 69 3.57 28.56 -18.15
N GLU B 70 2.45 27.84 -18.05
CA GLU B 70 1.32 28.30 -17.24
C GLU B 70 1.25 27.66 -15.86
N HIS B 71 1.74 26.43 -15.71
CA HIS B 71 1.61 25.71 -14.45
C HIS B 71 2.92 25.01 -14.11
N ARG B 72 3.06 24.65 -12.83
CA ARG B 72 4.10 23.74 -12.36
C ARG B 72 3.46 22.36 -12.25
N LEU B 73 3.87 21.43 -13.11
CA LEU B 73 3.12 20.20 -13.34
C LEU B 73 3.90 18.97 -12.89
N LEU B 74 3.19 18.06 -12.22
CA LEU B 74 3.61 16.68 -12.02
C LEU B 74 2.68 15.80 -12.83
N ILE B 75 3.20 15.15 -13.87
CA ILE B 75 2.42 14.34 -14.78
C ILE B 75 2.66 12.87 -14.44
N LEU B 76 1.57 12.14 -14.17
CA LEU B 76 1.65 10.74 -13.75
C LEU B 76 0.85 9.89 -14.71
N THR B 77 1.43 8.77 -15.15
CA THR B 77 0.84 7.92 -16.18
C THR B 77 0.32 6.62 -15.56
N GLY B 78 -0.79 6.14 -16.11
CA GLY B 78 -1.36 4.86 -15.72
C GLY B 78 -0.79 3.70 -16.54
N ALA B 79 -1.41 2.53 -16.35
CA ALA B 79 -0.89 1.28 -16.89
C ALA B 79 -1.49 0.91 -18.25
N GLY B 80 -2.81 0.70 -18.30
CA GLY B 80 -3.46 0.35 -19.55
C GLY B 80 -3.57 -1.13 -19.82
N VAL B 81 -3.64 -1.49 -21.11
CA VAL B 81 -4.00 -2.85 -21.49
C VAL B 81 -2.88 -3.84 -21.19
N ARG B 82 -1.62 -3.39 -21.17
CA ARG B 82 -0.51 -4.31 -20.92
C ARG B 82 -0.59 -4.90 -19.51
N ALA B 83 -1.11 -4.14 -18.55
CA ALA B 83 -1.31 -4.67 -17.21
C ALA B 83 -2.38 -5.76 -17.20
N ARG B 84 -3.35 -5.68 -18.11
CA ARG B 84 -4.36 -6.73 -18.21
C ARG B 84 -3.76 -8.04 -18.67
N HIS B 85 -2.77 -7.97 -19.58
CA HIS B 85 -2.14 -9.20 -20.04
C HIS B 85 -1.29 -9.84 -18.95
N VAL B 86 -0.54 -9.03 -18.20
CA VAL B 86 0.28 -9.59 -17.14
C VAL B 86 -0.60 -10.12 -16.01
N PHE B 87 -1.79 -9.53 -15.83
CA PHE B 87 -2.76 -10.11 -14.90
C PHE B 87 -3.23 -11.47 -15.40
N SER B 88 -3.48 -11.60 -16.71
CA SER B 88 -3.94 -12.87 -17.25
CA SER B 88 -3.94 -12.87 -17.25
C SER B 88 -2.91 -13.97 -17.05
N VAL B 89 -1.64 -13.65 -17.28
CA VAL B 89 -0.58 -14.64 -17.09
C VAL B 89 -0.39 -14.93 -15.61
N GLY B 90 -0.32 -13.88 -14.79
CA GLY B 90 -0.06 -14.07 -13.37
C GLY B 90 -1.16 -14.83 -12.66
N LEU B 91 -2.42 -14.54 -13.00
CA LEU B 91 -3.54 -15.27 -12.39
C LEU B 91 -3.56 -16.72 -12.84
N ASP B 92 -3.19 -16.98 -14.10
CA ASP B 92 -3.12 -18.35 -14.57
C ASP B 92 -2.04 -19.14 -13.82
N LEU B 93 -0.95 -18.48 -13.44
CA LEU B 93 0.08 -19.09 -12.62
C LEU B 93 -0.29 -19.12 -11.14
N GLY B 94 -1.38 -18.47 -10.74
CA GLY B 94 -1.83 -18.51 -9.36
C GLY B 94 -1.17 -17.54 -8.41
N LEU B 95 -0.52 -16.50 -8.94
CA LEU B 95 0.26 -15.61 -8.08
C LEU B 95 -0.66 -14.73 -7.24
N PRO B 96 -0.25 -14.39 -6.02
CA PRO B 96 -1.09 -13.57 -5.14
C PRO B 96 -1.12 -12.12 -5.58
N VAL B 97 -1.98 -11.35 -4.91
CA VAL B 97 -2.23 -9.97 -5.33
C VAL B 97 -1.00 -9.10 -5.10
N GLY B 98 -0.19 -9.41 -4.09
CA GLY B 98 1.05 -8.67 -3.88
C GLY B 98 2.10 -8.95 -4.93
N SER B 99 1.96 -10.03 -5.70
CA SER B 99 2.84 -10.28 -6.84
C SER B 99 2.40 -9.50 -8.06
N LEU B 100 1.09 -9.35 -8.26
CA LEU B 100 0.57 -8.67 -9.44
C LEU B 100 0.71 -7.16 -9.36
N ALA B 101 0.79 -6.59 -8.16
CA ALA B 101 0.85 -5.14 -8.03
C ALA B 101 2.10 -4.53 -8.65
N PRO B 102 3.33 -4.99 -8.35
CA PRO B 102 4.49 -4.39 -9.03
C PRO B 102 4.55 -4.73 -10.50
N LEU B 103 3.97 -5.86 -10.93
CA LEU B 103 3.95 -6.19 -12.35
C LEU B 103 3.12 -5.20 -13.14
N ALA B 104 1.98 -4.77 -12.58
CA ALA B 104 1.17 -3.77 -13.26
C ALA B 104 1.79 -2.38 -13.17
N ALA B 105 2.46 -2.08 -12.06
CA ALA B 105 3.10 -0.78 -11.92
C ALA B 105 4.20 -0.59 -12.97
N SER B 106 4.85 -1.69 -13.38
CA SER B 106 5.89 -1.59 -14.39
C SER B 106 5.36 -1.02 -15.70
N GLU B 107 4.14 -1.39 -16.07
CA GLU B 107 3.58 -0.88 -17.33
C GLU B 107 3.25 0.60 -17.23
N ALA B 108 2.92 1.09 -16.03
CA ALA B 108 2.69 2.52 -15.86
C ALA B 108 3.99 3.30 -15.97
N GLY B 109 5.09 2.73 -15.48
CA GLY B 109 6.38 3.38 -15.61
C GLY B 109 6.86 3.46 -17.05
N GLN B 110 6.56 2.42 -17.84
CA GLN B 110 6.95 2.44 -19.25
C GLN B 110 6.17 3.50 -20.01
N ASN B 111 4.88 3.67 -19.69
CA ASN B 111 4.11 4.76 -20.29
C ASN B 111 4.70 6.12 -19.92
N GLY B 112 5.24 6.25 -18.71
CA GLY B 112 5.86 7.51 -18.32
C GLY B 112 7.13 7.80 -19.08
N HIS B 113 7.95 6.77 -19.33
CA HIS B 113 9.16 6.96 -20.13
C HIS B 113 8.84 7.38 -21.56
N ILE B 114 7.76 6.82 -22.12
CA ILE B 114 7.36 7.18 -23.47
C ILE B 114 6.91 8.64 -23.53
N LEU B 115 6.09 9.05 -22.57
CA LEU B 115 5.58 10.43 -22.58
C LEU B 115 6.70 11.43 -22.32
N ALA B 116 7.63 11.10 -21.42
CA ALA B 116 8.72 12.02 -21.13
C ALA B 116 9.67 12.17 -22.31
N ALA B 117 9.86 11.10 -23.09
CA ALA B 117 10.73 11.19 -24.26
C ALA B 117 10.16 12.15 -25.29
N MET B 118 8.84 12.19 -25.43
CA MET B 118 8.20 13.12 -26.38
C MET B 118 8.33 14.57 -25.93
N LEU B 119 8.54 14.81 -24.64
CA LEU B 119 8.66 16.17 -24.10
C LEU B 119 10.09 16.52 -23.73
N ALA B 120 11.07 15.68 -24.10
CA ALA B 120 12.44 15.89 -23.67
C ALA B 120 13.02 17.20 -24.20
N SER B 121 12.66 17.57 -25.43
CA SER B 121 13.17 18.81 -26.02
C SER B 121 12.68 20.05 -25.28
N GLU B 122 11.65 19.91 -24.42
CA GLU B 122 11.17 21.00 -23.60
C GLU B 122 11.75 20.98 -22.19
N GLY B 123 12.70 20.09 -21.92
CA GLY B 123 13.32 19.99 -20.62
C GLY B 123 12.63 19.06 -19.64
N VAL B 124 11.76 18.18 -20.12
CA VAL B 124 10.98 17.29 -19.25
C VAL B 124 11.64 15.91 -19.25
N SER B 125 11.71 15.31 -18.06
CA SER B 125 12.26 13.97 -17.92
C SER B 125 11.42 13.15 -16.95
N TYR B 126 11.58 11.84 -17.03
CA TYR B 126 10.96 10.93 -16.08
C TYR B 126 11.78 10.88 -14.80
N VAL B 127 11.10 10.86 -13.66
CA VAL B 127 11.75 10.79 -12.36
C VAL B 127 11.20 9.60 -11.59
N GLU B 128 12.08 8.94 -10.84
CA GLU B 128 11.71 7.72 -10.12
C GLU B 128 10.97 8.07 -8.82
N HIS B 129 10.26 7.07 -8.29
CA HIS B 129 9.44 7.27 -7.10
C HIS B 129 10.19 7.86 -5.91
N PRO B 130 11.38 7.37 -5.53
CA PRO B 130 12.07 8.01 -4.38
C PRO B 130 12.43 9.45 -4.64
N THR B 131 12.68 9.81 -5.91
CA THR B 131 12.91 11.20 -6.26
C THR B 131 11.63 12.02 -6.12
N VAL B 132 10.50 11.46 -6.54
CA VAL B 132 9.22 12.15 -6.36
C VAL B 132 8.92 12.36 -4.89
N ALA B 133 9.25 11.37 -4.05
CA ALA B 133 8.87 11.42 -2.65
C ALA B 133 9.72 12.41 -1.86
N ASP B 134 10.99 12.59 -2.24
CA ASP B 134 11.93 13.35 -1.42
C ASP B 134 12.53 14.57 -2.11
N GLN B 135 12.51 14.65 -3.44
CA GLN B 135 13.24 15.72 -4.13
C GLN B 135 12.41 16.35 -5.24
N LEU B 136 11.08 16.34 -5.12
CA LEU B 136 10.27 16.97 -6.17
C LEU B 136 10.47 18.48 -6.19
N ALA B 137 10.74 19.09 -5.03
CA ALA B 137 10.86 20.55 -4.98
C ALA B 137 12.03 21.04 -5.82
N ILE B 138 13.19 20.37 -5.72
CA ILE B 138 14.36 20.83 -6.46
C ILE B 138 14.21 20.54 -7.95
N HIS B 139 13.58 19.41 -8.29
CA HIS B 139 13.42 19.06 -9.70
C HIS B 139 12.45 19.99 -10.40
N LEU B 140 11.41 20.46 -9.69
CA LEU B 140 10.51 21.45 -10.28
C LEU B 140 11.04 22.87 -10.20
N SER B 141 12.16 23.08 -9.49
CA SER B 141 12.85 24.36 -9.59
C SER B 141 13.75 24.41 -10.82
N ALA B 142 14.21 23.24 -11.29
CA ALA B 142 15.08 23.20 -12.46
C ALA B 142 14.31 23.24 -13.77
N THR B 143 13.11 22.66 -13.81
CA THR B 143 12.33 22.58 -15.03
C THR B 143 10.86 22.77 -14.70
N ARG B 144 10.05 22.91 -15.76
CA ARG B 144 8.64 23.27 -15.59
C ARG B 144 7.76 22.07 -15.25
N ALA B 145 8.15 20.87 -15.69
CA ALA B 145 7.33 19.69 -15.43
C ALA B 145 8.21 18.45 -15.44
N VAL B 146 7.76 17.42 -14.70
CA VAL B 146 8.37 16.11 -14.69
C VAL B 146 7.27 15.06 -14.82
N VAL B 147 7.68 13.86 -15.23
CA VAL B 147 6.77 12.73 -15.41
C VAL B 147 7.17 11.63 -14.47
N GLY B 148 6.17 10.94 -13.91
CA GLY B 148 6.40 9.81 -13.02
C GLY B 148 5.31 8.77 -13.17
N SER B 149 5.49 7.66 -12.47
CA SER B 149 4.49 6.60 -12.47
C SER B 149 3.39 6.91 -11.46
N ALA B 150 2.13 6.73 -11.88
CA ALA B 150 1.00 7.00 -11.01
C ALA B 150 0.75 5.90 -10.00
N PHE B 151 1.28 4.71 -10.22
CA PHE B 151 1.06 3.62 -9.28
C PHE B 151 1.83 3.89 -7.98
N PRO B 152 1.21 3.60 -6.83
CA PRO B 152 1.93 3.75 -5.55
C PRO B 152 2.82 2.56 -5.30
N PRO B 153 3.91 2.74 -4.53
CA PRO B 153 4.86 1.65 -4.29
C PRO B 153 4.43 0.72 -3.16
N TYR B 154 3.27 0.09 -3.33
CA TYR B 154 2.79 -0.85 -2.33
C TYR B 154 3.42 -2.23 -2.51
N HIS B 155 3.57 -2.67 -3.75
CA HIS B 155 4.35 -3.87 -4.12
C HIS B 155 3.79 -5.07 -3.39
N HIS B 156 4.63 -5.92 -2.79
CA HIS B 156 4.15 -7.11 -2.09
C HIS B 156 3.40 -6.79 -0.80
N HIS B 157 3.41 -5.54 -0.36
CA HIS B 157 2.61 -5.11 0.77
C HIS B 157 1.23 -4.60 0.37
N GLU B 158 0.74 -5.02 -0.80
CA GLU B 158 -0.61 -4.66 -1.21
C GLU B 158 -1.63 -5.35 -0.32
N PHE B 159 -2.78 -4.70 -0.13
CA PHE B 159 -3.81 -5.22 0.76
C PHE B 159 -4.44 -6.48 0.18
N PRO B 160 -4.76 -7.46 1.01
CA PRO B 160 -5.46 -8.65 0.51
C PRO B 160 -6.97 -8.42 0.43
N GLY B 161 -7.65 -9.40 -0.16
CA GLY B 161 -9.09 -9.33 -0.30
C GLY B 161 -9.55 -9.67 -1.71
N SER B 162 -9.11 -8.89 -2.69
CA SER B 162 -9.35 -9.15 -4.10
C SER B 162 -8.08 -9.66 -4.75
N ARG B 163 -8.24 -10.48 -5.79
CA ARG B 163 -7.10 -10.95 -6.56
C ARG B 163 -6.56 -9.88 -7.51
N ILE B 164 -7.24 -8.76 -7.64
CA ILE B 164 -6.79 -7.63 -8.45
C ILE B 164 -6.26 -6.55 -7.51
N PRO B 165 -5.06 -6.02 -7.75
CA PRO B 165 -4.51 -4.97 -6.86
C PRO B 165 -5.45 -3.78 -6.76
N PRO B 166 -5.82 -3.39 -5.53
CA PRO B 166 -6.79 -2.29 -5.37
C PRO B 166 -6.20 -0.90 -5.51
N HIS B 167 -4.96 -0.69 -5.07
CA HIS B 167 -4.36 0.65 -5.08
C HIS B 167 -3.62 0.85 -6.40
N ARG B 168 -4.31 1.39 -7.39
CA ARG B 168 -3.80 1.51 -8.75
C ARG B 168 -3.47 2.97 -9.06
N ALA B 169 -3.61 3.36 -10.33
CA ALA B 169 -3.06 4.64 -10.79
C ALA B 169 -3.85 5.83 -10.24
N ASP B 170 -5.18 5.76 -10.26
CA ASP B 170 -5.98 6.85 -9.72
C ASP B 170 -5.71 7.04 -8.23
N THR B 171 -5.62 5.94 -7.48
CA THR B 171 -5.40 6.02 -6.04
C THR B 171 -4.03 6.61 -5.73
N GLY B 172 -2.99 6.15 -6.45
CA GLY B 172 -1.65 6.65 -6.19
C GLY B 172 -1.52 8.13 -6.50
N ALA B 173 -2.16 8.60 -7.57
CA ALA B 173 -2.08 10.01 -7.93
C ALA B 173 -2.74 10.90 -6.88
N PHE B 174 -3.87 10.45 -6.33
CA PHE B 174 -4.57 11.27 -5.33
C PHE B 174 -3.81 11.28 -4.01
N LEU B 175 -3.25 10.13 -3.61
CA LEU B 175 -2.47 10.09 -2.38
C LEU B 175 -1.31 11.08 -2.43
N LEU B 176 -0.61 11.15 -3.56
CA LEU B 176 0.47 12.11 -3.71
C LEU B 176 -0.04 13.54 -3.67
N ALA B 177 -1.09 13.83 -4.45
CA ALA B 177 -1.58 15.19 -4.55
C ALA B 177 -2.08 15.71 -3.21
N ASP B 178 -2.74 14.84 -2.42
CA ASP B 178 -3.26 15.28 -1.14
C ASP B 178 -2.15 15.38 -0.10
N ALA B 179 -1.15 14.50 -0.16
CA ALA B 179 -0.02 14.58 0.76
C ALA B 179 0.78 15.86 0.53
N PHE B 180 0.96 16.24 -0.74
CA PHE B 180 1.66 17.48 -1.05
C PHE B 180 0.82 18.71 -0.74
N GLY B 181 -0.50 18.56 -0.59
CA GLY B 181 -1.36 19.72 -0.49
C GLY B 181 -1.43 20.50 -1.79
N ALA B 182 -1.39 19.81 -2.91
CA ALA B 182 -1.31 20.44 -4.22
C ALA B 182 -2.57 21.25 -4.52
N ALA B 183 -2.45 22.15 -5.50
CA ALA B 183 -3.56 23.02 -5.87
C ALA B 183 -4.69 22.26 -6.54
N GLY B 184 -4.42 21.10 -7.10
CA GLY B 184 -5.48 20.32 -7.73
C GLY B 184 -4.96 19.03 -8.32
N LEU B 185 -5.90 18.17 -8.68
CA LEU B 185 -5.62 16.92 -9.36
C LEU B 185 -6.66 16.73 -10.46
N THR B 186 -6.20 16.48 -11.68
CA THR B 186 -7.06 16.27 -12.83
C THR B 186 -6.76 14.90 -13.43
N ILE B 187 -7.81 14.14 -13.70
CA ILE B 187 -7.70 12.79 -14.26
C ILE B 187 -8.10 12.84 -15.72
N VAL B 188 -7.22 12.37 -16.59
CA VAL B 188 -7.41 12.43 -18.04
C VAL B 188 -7.74 11.01 -18.51
N GLU B 189 -8.95 10.83 -19.03
CA GLU B 189 -9.46 9.53 -19.43
C GLU B 189 -9.85 9.54 -20.91
N ASN B 190 -10.32 8.39 -21.38
CA ASN B 190 -10.76 8.23 -22.77
C ASN B 190 -12.27 8.34 -22.93
N VAL B 191 -12.98 8.80 -21.90
CA VAL B 191 -14.41 9.06 -21.96
C VAL B 191 -14.66 10.44 -21.37
N ASP B 192 -15.89 10.94 -21.59
CA ASP B 192 -16.23 12.29 -21.14
C ASP B 192 -16.22 12.40 -19.62
N GLY B 193 -16.45 11.31 -18.91
CA GLY B 193 -16.51 11.35 -17.46
C GLY B 193 -17.12 10.08 -16.91
N ILE B 194 -17.83 10.23 -15.80
CA ILE B 194 -18.50 9.11 -15.14
C ILE B 194 -19.95 9.05 -15.59
N TYR B 195 -20.38 7.87 -16.00
CA TYR B 195 -21.76 7.61 -16.39
C TYR B 195 -22.43 6.69 -15.36
N THR B 196 -23.74 6.54 -15.49
CA THR B 196 -24.47 5.60 -14.64
C THR B 196 -24.19 4.15 -15.01
N ALA B 197 -23.60 3.90 -16.17
CA ALA B 197 -23.18 2.57 -16.57
C ALA B 197 -22.03 2.70 -17.55
N ASP B 198 -21.36 1.59 -17.83
CA ASP B 198 -20.23 1.59 -18.75
C ASP B 198 -20.71 2.02 -20.13
N PRO B 199 -20.27 3.18 -20.63
CA PRO B 199 -20.72 3.63 -21.95
C PRO B 199 -20.15 2.81 -23.10
N ASN B 200 -19.24 1.87 -22.83
CA ASN B 200 -18.71 0.97 -23.83
C ASN B 200 -19.04 -0.49 -23.53
N GLY B 201 -19.87 -0.75 -22.51
CA GLY B 201 -20.13 -2.10 -22.08
C GLY B 201 -21.41 -2.68 -22.65
N PRO B 202 -22.00 -3.65 -21.95
CA PRO B 202 -23.23 -4.26 -22.44
C PRO B 202 -24.47 -3.37 -22.32
N ASP B 203 -24.46 -2.40 -21.40
CA ASP B 203 -25.65 -1.59 -21.15
C ASP B 203 -25.41 -0.13 -21.51
N ARG B 204 -24.87 0.14 -22.70
CA ARG B 204 -24.60 1.51 -23.11
C ARG B 204 -25.88 2.32 -23.23
N GLY B 205 -26.99 1.68 -23.58
CA GLY B 205 -28.22 2.40 -23.83
C GLY B 205 -28.75 3.14 -22.61
N GLN B 206 -28.51 2.60 -21.42
CA GLN B 206 -28.98 3.20 -20.19
C GLN B 206 -27.91 4.01 -19.47
N ALA B 207 -26.79 4.28 -20.14
CA ALA B 207 -25.70 5.05 -19.53
C ALA B 207 -25.98 6.54 -19.65
N ARG B 208 -26.08 7.20 -18.49
CA ARG B 208 -26.37 8.63 -18.42
C ARG B 208 -25.18 9.36 -17.80
N PHE B 209 -24.79 10.47 -18.42
CA PHE B 209 -23.62 11.21 -17.96
C PHE B 209 -23.91 11.92 -16.64
N LEU B 210 -22.91 11.96 -15.77
CA LEU B 210 -23.02 12.61 -14.46
C LEU B 210 -22.08 13.80 -14.42
N PRO B 211 -22.59 15.04 -14.53
CA PRO B 211 -21.69 16.20 -14.51
C PRO B 211 -21.03 16.43 -13.16
N GLU B 212 -21.68 16.01 -12.06
CA GLU B 212 -21.13 16.24 -10.74
C GLU B 212 -21.62 15.14 -9.80
N THR B 213 -20.76 14.77 -8.85
CA THR B 213 -21.09 13.73 -7.88
C THR B 213 -20.17 13.87 -6.68
N SER B 214 -20.51 13.16 -5.61
CA SER B 214 -19.68 13.08 -4.42
C SER B 214 -19.06 11.69 -4.32
N ALA B 215 -17.94 11.63 -3.60
CA ALA B 215 -17.25 10.35 -3.42
C ALA B 215 -18.10 9.38 -2.62
N THR B 216 -18.84 9.88 -1.64
CA THR B 216 -19.68 9.01 -0.82
C THR B 216 -20.85 8.43 -1.62
N ASP B 217 -21.42 9.24 -2.52
CA ASP B 217 -22.49 8.73 -3.38
C ASP B 217 -21.99 7.64 -4.31
N LEU B 218 -20.79 7.83 -4.88
CA LEU B 218 -20.23 6.81 -5.76
C LEU B 218 -19.87 5.54 -4.98
N ALA B 219 -19.42 5.69 -3.74
CA ALA B 219 -18.93 4.54 -2.99
C ALA B 219 -20.06 3.57 -2.62
N LYS B 220 -21.27 4.08 -2.41
CA LYS B 220 -22.41 3.23 -2.09
C LYS B 220 -23.12 2.69 -3.32
N SER B 221 -22.60 2.97 -4.51
CA SER B 221 -23.17 2.44 -5.74
C SER B 221 -22.47 1.15 -6.14
N GLU B 222 -23.19 0.31 -6.87
CA GLU B 222 -22.64 -0.93 -7.42
C GLU B 222 -22.55 -0.80 -8.94
N GLY B 223 -21.48 -1.36 -9.51
CA GLY B 223 -21.25 -1.26 -10.92
C GLY B 223 -19.87 -0.70 -11.23
N PRO B 224 -19.47 -0.77 -12.50
CA PRO B 224 -18.13 -0.32 -12.85
C PRO B 224 -18.02 1.20 -12.87
N LEU B 225 -16.79 1.67 -12.70
CA LEU B 225 -16.45 3.08 -12.71
C LEU B 225 -15.18 3.26 -13.55
N PRO B 226 -14.93 4.47 -14.04
CA PRO B 226 -13.65 4.73 -14.71
C PRO B 226 -12.51 5.04 -13.76
N VAL B 227 -12.76 5.03 -12.45
CA VAL B 227 -11.73 5.29 -11.45
C VAL B 227 -11.72 4.14 -10.44
N ASP B 228 -10.57 3.97 -9.79
CA ASP B 228 -10.44 2.94 -8.77
C ASP B 228 -11.47 3.14 -7.67
N ARG B 229 -12.03 2.04 -7.18
CA ARG B 229 -12.91 2.14 -6.02
C ARG B 229 -12.13 2.54 -4.76
N ALA B 230 -10.83 2.21 -4.71
CA ALA B 230 -10.00 2.64 -3.60
C ALA B 230 -9.78 4.16 -3.60
N LEU B 231 -9.96 4.81 -4.75
CA LEU B 231 -9.87 6.27 -4.79
C LEU B 231 -10.94 6.91 -3.92
N LEU B 232 -12.15 6.34 -3.91
CA LEU B 232 -13.22 6.88 -3.09
C LEU B 232 -12.93 6.71 -1.61
N ASP B 233 -12.15 5.69 -1.24
CA ASP B 233 -11.82 5.48 0.16
C ASP B 233 -10.78 6.47 0.66
N VAL B 234 -9.75 6.74 -0.15
CA VAL B 234 -8.75 7.73 0.25
C VAL B 234 -9.28 9.14 0.18
N MET B 235 -10.34 9.37 -0.60
CA MET B 235 -10.99 10.68 -0.60
C MET B 235 -11.71 10.95 0.72
N ALA B 236 -12.16 9.89 1.41
CA ALA B 236 -12.87 10.07 2.66
C ALA B 236 -11.96 10.54 3.78
N THR B 237 -10.67 10.24 3.70
CA THR B 237 -9.70 10.65 4.71
C THR B 237 -8.79 11.76 4.23
N ALA B 238 -9.10 12.40 3.10
CA ALA B 238 -8.26 13.45 2.56
C ALA B 238 -8.25 14.67 3.48
N ARG B 239 -7.18 15.46 3.38
CA ARG B 239 -7.00 16.63 4.21
C ARG B 239 -7.05 17.95 3.45
N HIS B 240 -6.83 17.95 2.14
CA HIS B 240 -6.67 19.21 1.41
C HIS B 240 -7.51 19.26 0.13
N ILE B 241 -7.41 18.24 -0.71
CA ILE B 241 -8.06 18.28 -2.02
C ILE B 241 -9.58 18.23 -1.83
N GLU B 242 -10.28 19.25 -2.35
CA GLU B 242 -11.72 19.34 -2.22
C GLU B 242 -12.49 18.78 -3.41
N ARG B 243 -11.88 18.74 -4.60
CA ARG B 243 -12.57 18.24 -5.78
C ARG B 243 -11.56 17.71 -6.79
N VAL B 244 -12.01 16.75 -7.58
CA VAL B 244 -11.22 16.16 -8.65
C VAL B 244 -12.09 16.04 -9.89
N GLN B 245 -11.60 16.51 -11.03
CA GLN B 245 -12.36 16.46 -12.27
C GLN B 245 -11.79 15.39 -13.20
N VAL B 246 -12.70 14.63 -13.82
CA VAL B 246 -12.36 13.61 -14.81
C VAL B 246 -12.78 14.14 -16.17
N VAL B 247 -11.82 14.27 -17.09
CA VAL B 247 -12.07 14.88 -18.38
C VAL B 247 -11.60 13.95 -19.49
N ASN B 248 -12.12 14.20 -20.70
CA ASN B 248 -11.80 13.39 -21.87
C ASN B 248 -10.54 13.95 -22.52
N GLY B 249 -9.45 13.21 -22.45
CA GLY B 249 -8.21 13.62 -23.08
C GLY B 249 -8.17 13.50 -24.59
N LEU B 250 -9.16 12.86 -25.18
CA LEU B 250 -9.25 12.75 -26.63
C LEU B 250 -9.88 13.98 -27.28
N VAL B 251 -10.31 14.95 -26.49
CA VAL B 251 -10.85 16.21 -26.98
C VAL B 251 -9.85 17.31 -26.65
N PRO B 252 -9.14 17.85 -27.64
CA PRO B 252 -8.13 18.89 -27.34
C PRO B 252 -8.76 20.11 -26.71
N GLY B 253 -8.09 20.63 -25.68
CA GLY B 253 -8.54 21.81 -24.97
C GLY B 253 -9.20 21.55 -23.64
N ARG B 254 -9.66 20.32 -23.39
CA ARG B 254 -10.35 20.05 -22.14
C ARG B 254 -9.41 19.94 -20.95
N LEU B 255 -8.20 19.42 -21.15
CA LEU B 255 -7.21 19.43 -20.08
C LEU B 255 -6.82 20.86 -19.72
N THR B 256 -6.59 21.71 -20.74
CA THR B 256 -6.28 23.10 -20.48
C THR B 256 -7.41 23.78 -19.70
N ALA B 257 -8.66 23.51 -20.08
CA ALA B 257 -9.79 24.13 -19.39
C ALA B 257 -9.93 23.63 -17.97
N ALA B 258 -9.68 22.33 -17.75
CA ALA B 258 -9.82 21.76 -16.42
C ALA B 258 -8.80 22.34 -15.45
N LEU B 259 -7.58 22.58 -15.92
CA LEU B 259 -6.54 23.16 -15.07
C LEU B 259 -6.82 24.61 -14.71
N ARG B 260 -7.76 25.27 -15.40
CA ARG B 260 -8.20 26.60 -15.03
C ARG B 260 -9.51 26.58 -14.26
N GLY B 261 -10.00 25.39 -13.88
CA GLY B 261 -11.20 25.27 -13.08
C GLY B 261 -12.50 25.26 -13.85
N GLU B 262 -12.45 25.19 -15.17
CA GLU B 262 -13.68 25.16 -15.96
C GLU B 262 -14.29 23.76 -15.93
N HIS B 263 -15.62 23.72 -15.94
CA HIS B 263 -16.37 22.47 -15.79
C HIS B 263 -16.58 21.86 -17.17
N VAL B 264 -15.70 20.93 -17.55
CA VAL B 264 -15.77 20.26 -18.84
C VAL B 264 -15.87 18.74 -18.72
N GLY B 265 -15.99 18.21 -17.51
CA GLY B 265 -16.12 16.78 -17.29
C GLY B 265 -16.95 16.50 -16.07
N THR B 266 -16.61 15.42 -15.36
CA THR B 266 -17.30 15.04 -14.14
C THR B 266 -16.50 15.54 -12.94
N LEU B 267 -17.14 16.34 -12.09
CA LEU B 267 -16.52 16.82 -10.86
C LEU B 267 -16.88 15.87 -9.71
N ILE B 268 -15.85 15.42 -9.00
CA ILE B 268 -16.01 14.55 -7.84
C ILE B 268 -15.65 15.35 -6.60
N ARG B 269 -16.64 15.55 -5.73
CA ARG B 269 -16.39 16.22 -4.45
C ARG B 269 -15.88 15.20 -3.44
N THR B 270 -14.74 15.53 -2.81
CA THR B 270 -14.08 14.58 -1.93
C THR B 270 -14.69 14.52 -0.53
N GLY B 271 -15.35 15.58 -0.09
CA GLY B 271 -15.83 15.68 1.27
C GLY B 271 -15.00 16.58 2.16
N VAL B 272 -13.81 16.98 1.72
CA VAL B 272 -13.03 17.98 2.43
C VAL B 272 -13.76 19.32 2.38
N ARG B 273 -13.98 19.91 3.55
CA ARG B 273 -14.77 21.14 3.51
C ARG B 273 -13.85 22.35 3.36
N PRO B 274 -14.28 23.35 2.60
CA PRO B 274 -13.49 24.58 2.47
C PRO B 274 -13.55 25.41 3.74
N ALA B 275 -12.67 26.40 3.81
CA ALA B 275 -12.62 27.29 4.96
C ALA B 275 -13.87 28.16 5.03
#